data_6IZD
#
_entry.id   6IZD
#
_cell.length_a   55.598
_cell.length_b   60.425
_cell.length_c   101.616
_cell.angle_alpha   90.00
_cell.angle_beta   90.00
_cell.angle_gamma   90.00
#
_symmetry.space_group_name_H-M   'P 21 21 21'
#
loop_
_entity.id
_entity.type
_entity.pdbx_description
1 polymer Beta-lactamase
2 non-polymer GLYCEROL
3 water water
#
_entity_poly.entity_id   1
_entity_poly.type   'polypeptide(L)'
_entity_poly.pdbx_seq_one_letter_code
;GAMASSKLNEDISLIEKQTSGRIGVSVWDTQTDERWDYRGDERFPLMSTFKTLACATMLSDMDSGKLNKNATARIDERNI
VVWSPVMDKLAGQSTRIEHACEAAMLMSDNTAANLVLNEIGGPKAVTLFLRSIGDKATRLDRLEPHLNEAKPGDKRDTTT
PNAMVNTLHTLMEDNALSYESRTQLKIWMQDNKVSDSLIRSVLPKGWSIADRSGAGNYGSRGISAMIWKDNYKPVYISIY
VTDTDLSLQARDQLIAQISQLILEHYKES
;
_entity_poly.pdbx_strand_id   A
#
loop_
_chem_comp.id
_chem_comp.type
_chem_comp.name
_chem_comp.formula
GOL non-polymer GLYCEROL 'C3 H8 O3'
#
# COMPACT_ATOMS: atom_id res chain seq x y z
N LYS A 7 -5.87 -25.70 4.13
CA LYS A 7 -7.02 -25.62 3.23
C LYS A 7 -7.34 -24.15 2.86
N LEU A 8 -6.29 -23.30 2.82
CA LEU A 8 -6.43 -21.88 2.50
C LEU A 8 -7.09 -21.62 1.15
N ASN A 9 -6.67 -22.36 0.09
CA ASN A 9 -7.24 -22.20 -1.24
C ASN A 9 -8.75 -22.44 -1.24
N GLU A 10 -9.19 -23.54 -0.59
CA GLU A 10 -10.62 -23.90 -0.52
C GLU A 10 -11.41 -22.81 0.20
N ASP A 11 -10.90 -22.33 1.36
CA ASP A 11 -11.56 -21.28 2.13
C ASP A 11 -11.67 -19.96 1.36
N ILE A 12 -10.58 -19.51 0.71
CA ILE A 12 -10.62 -18.26 -0.06
C ILE A 12 -11.55 -18.40 -1.29
N SER A 13 -11.52 -19.57 -1.96
CA SER A 13 -12.43 -19.83 -3.07
C SER A 13 -13.90 -19.72 -2.62
N LEU A 14 -14.24 -20.25 -1.42
CA LEU A 14 -15.63 -20.20 -0.91
C LEU A 14 -16.06 -18.76 -0.67
N ILE A 15 -15.17 -17.97 -0.05
CA ILE A 15 -15.42 -16.56 0.22
C ILE A 15 -15.60 -15.79 -1.10
N GLU A 16 -14.68 -16.03 -2.07
CA GLU A 16 -14.73 -15.36 -3.35
C GLU A 16 -16.04 -15.64 -4.07
N LYS A 17 -16.50 -16.89 -4.01
CA LYS A 17 -17.76 -17.33 -4.66
C LYS A 17 -18.99 -16.66 -4.03
N GLN A 18 -18.88 -16.20 -2.76
CA GLN A 18 -19.96 -15.48 -2.06
C GLN A 18 -20.05 -14.04 -2.53
N THR A 19 -18.96 -13.52 -3.16
CA THR A 19 -18.92 -12.17 -3.74
C THR A 19 -19.15 -12.26 -5.25
N SER A 20 -19.46 -11.12 -5.87
CA SER A 20 -19.61 -11.09 -7.33
C SER A 20 -18.26 -10.73 -7.99
N GLY A 21 -17.19 -10.64 -7.17
CA GLY A 21 -15.87 -10.22 -7.62
C GLY A 21 -14.70 -11.18 -7.55
N ARG A 22 -13.51 -10.60 -7.39
CA ARG A 22 -12.24 -11.32 -7.43
C ARG A 22 -11.42 -11.00 -6.18
N ILE A 23 -10.76 -12.02 -5.63
CA ILE A 23 -9.92 -11.89 -4.43
C ILE A 23 -8.50 -12.34 -4.81
N GLY A 24 -7.51 -11.58 -4.34
CA GLY A 24 -6.11 -11.88 -4.60
C GLY A 24 -5.35 -11.84 -3.29
N VAL A 25 -4.59 -12.89 -3.00
CA VAL A 25 -3.84 -12.98 -1.75
C VAL A 25 -2.42 -13.43 -2.06
N SER A 26 -1.42 -12.90 -1.32
CA SER A 26 -0.07 -13.43 -1.45
C SER A 26 0.56 -13.40 -0.08
N VAL A 27 1.29 -14.47 0.28
CA VAL A 27 1.97 -14.55 1.57
C VAL A 27 3.39 -15.07 1.37
N TRP A 28 4.39 -14.39 1.94
CA TRP A 28 5.77 -14.88 1.93
C TRP A 28 6.25 -14.83 3.38
N ASP A 29 6.41 -16.00 3.98
CA ASP A 29 6.89 -16.12 5.36
C ASP A 29 8.38 -16.32 5.21
N THR A 30 9.21 -15.31 5.61
CA THR A 30 10.66 -15.42 5.45
C THR A 30 11.33 -16.23 6.57
N GLN A 31 10.58 -16.62 7.61
CA GLN A 31 11.12 -17.48 8.66
C GLN A 31 11.16 -18.91 8.12
N THR A 32 10.03 -19.37 7.55
CA THR A 32 9.92 -20.75 7.03
C THR A 32 10.27 -20.85 5.53
N ASP A 33 10.36 -19.70 4.87
CA ASP A 33 10.57 -19.44 3.44
C ASP A 33 9.41 -19.99 2.61
N GLU A 34 8.24 -20.12 3.23
CA GLU A 34 7.10 -20.63 2.48
C GLU A 34 6.33 -19.50 1.83
N ARG A 35 5.96 -19.74 0.58
CA ARG A 35 5.21 -18.81 -0.24
C ARG A 35 3.87 -19.46 -0.54
N TRP A 36 2.85 -18.63 -0.63
CA TRP A 36 1.52 -19.11 -0.97
C TRP A 36 0.76 -17.96 -1.59
N ASP A 37 0.00 -18.23 -2.65
CA ASP A 37 -0.83 -17.19 -3.24
C ASP A 37 -2.15 -17.74 -3.81
N TYR A 38 -3.11 -16.82 -3.94
CA TYR A 38 -4.42 -17.06 -4.56
C TYR A 38 -4.58 -15.91 -5.56
N ARG A 39 -4.56 -16.21 -6.88
CA ARG A 39 -4.58 -15.21 -7.96
C ARG A 39 -3.41 -14.20 -7.77
N GLY A 40 -2.27 -14.71 -7.29
CA GLY A 40 -1.10 -13.89 -6.94
C GLY A 40 -0.49 -13.12 -8.09
N ASP A 41 -0.68 -13.62 -9.33
CA ASP A 41 -0.14 -12.96 -10.52
C ASP A 41 -1.22 -12.22 -11.34
N GLU A 42 -2.44 -12.10 -10.77
CA GLU A 42 -3.51 -11.36 -11.44
C GLU A 42 -3.44 -9.89 -11.03
N ARG A 43 -3.93 -8.99 -11.90
CA ARG A 43 -3.95 -7.56 -11.60
C ARG A 43 -5.14 -7.15 -10.74
N PHE A 44 -4.88 -6.22 -9.80
CA PHE A 44 -5.85 -5.61 -8.90
C PHE A 44 -5.52 -4.13 -8.79
N PRO A 45 -6.48 -3.26 -8.48
CA PRO A 45 -6.18 -1.83 -8.31
C PRO A 45 -5.25 -1.57 -7.12
N LEU A 46 -4.28 -0.65 -7.31
CA LEU A 46 -3.38 -0.27 -6.21
C LEU A 46 -4.18 0.45 -5.11
N MET A 47 -5.04 1.41 -5.51
CA MET A 47 -5.73 2.31 -4.58
C MET A 47 -4.62 2.98 -3.70
N SER A 48 -4.90 3.31 -2.43
CA SER A 48 -3.88 3.96 -1.59
C SER A 48 -2.68 3.08 -1.25
N THR A 49 -2.67 1.78 -1.68
CA THR A 49 -1.47 0.97 -1.41
C THR A 49 -0.28 1.52 -2.24
N PHE A 50 -0.56 2.40 -3.24
CA PHE A 50 0.57 2.97 -3.99
C PHE A 50 1.40 3.93 -3.13
N LYS A 51 0.80 4.51 -2.07
CA LYS A 51 1.47 5.59 -1.34
C LYS A 51 2.83 5.19 -0.80
N THR A 52 2.98 3.90 -0.40
CA THR A 52 4.25 3.35 0.06
C THR A 52 5.31 3.45 -1.05
N LEU A 53 4.87 3.20 -2.28
CA LEU A 53 5.74 3.16 -3.45
C LEU A 53 6.16 4.57 -3.89
N ALA A 54 5.26 5.55 -3.79
CA ALA A 54 5.60 6.95 -4.07
C ALA A 54 6.59 7.42 -3.00
N CYS A 55 6.33 7.09 -1.73
CA CYS A 55 7.25 7.52 -0.67
C CYS A 55 8.59 6.80 -0.71
N ALA A 56 8.61 5.52 -1.14
CA ALA A 56 9.87 4.82 -1.36
C ALA A 56 10.67 5.54 -2.48
N THR A 57 9.98 5.96 -3.57
CA THR A 57 10.66 6.66 -4.66
C THR A 57 11.26 7.99 -4.14
N MET A 58 10.48 8.74 -3.34
CA MET A 58 10.97 10.00 -2.78
C MET A 58 12.21 9.73 -1.90
N LEU A 59 12.16 8.69 -1.04
CA LEU A 59 13.31 8.38 -0.16
C LEU A 59 14.54 7.99 -1.00
N SER A 60 14.33 7.19 -2.06
CA SER A 60 15.41 6.76 -2.96
C SER A 60 16.04 8.05 -3.59
N ASP A 61 15.18 9.02 -3.97
CA ASP A 61 15.70 10.30 -4.52
C ASP A 61 16.52 11.06 -3.48
N MET A 62 16.06 11.09 -2.22
CA MET A 62 16.83 11.74 -1.14
C MET A 62 18.15 11.01 -0.93
N ASP A 63 18.14 9.66 -0.97
CA ASP A 63 19.34 8.85 -0.80
C ASP A 63 20.42 9.24 -1.80
N SER A 64 20.04 9.44 -3.08
CA SER A 64 21.04 9.75 -4.12
C SER A 64 21.33 11.26 -4.28
N GLY A 65 20.60 12.11 -3.56
CA GLY A 65 20.79 13.56 -3.63
C GLY A 65 19.99 14.25 -4.70
N LYS A 66 19.10 13.51 -5.38
CA LYS A 66 18.26 14.03 -6.46
C LYS A 66 17.16 14.94 -5.94
N LEU A 67 16.90 14.84 -4.65
CA LEU A 67 15.90 15.62 -3.94
C LEU A 67 16.50 15.97 -2.58
N ASN A 68 16.46 17.26 -2.20
CA ASN A 68 17.02 17.66 -0.91
C ASN A 68 16.14 17.10 0.21
N LYS A 69 16.74 16.67 1.33
CA LYS A 69 16.00 16.11 2.47
C LYS A 69 15.03 17.12 3.06
N ASN A 70 15.35 18.44 2.96
CA ASN A 70 14.48 19.50 3.46
C ASN A 70 13.71 20.21 2.34
N ALA A 71 13.53 19.54 1.18
CA ALA A 71 12.76 20.08 0.05
C ALA A 71 11.33 20.36 0.46
N THR A 72 10.77 21.47 -0.05
CA THR A 72 9.41 21.89 0.26
C THR A 72 8.63 22.13 -1.01
N ALA A 73 7.29 22.12 -0.90
CA ALA A 73 6.39 22.46 -2.00
C ALA A 73 5.15 23.11 -1.44
N ARG A 74 4.51 23.96 -2.23
CA ARG A 74 3.33 24.68 -1.79
C ARG A 74 2.07 23.88 -2.04
N ILE A 75 1.15 23.93 -1.06
CA ILE A 75 -0.19 23.36 -1.15
C ILE A 75 -1.05 24.50 -1.68
N ASP A 76 -1.68 24.30 -2.84
CA ASP A 76 -2.59 25.29 -3.42
C ASP A 76 -4.02 24.82 -3.12
N GLU A 77 -4.89 25.75 -2.70
CA GLU A 77 -6.30 25.46 -2.36
C GLU A 77 -7.03 24.69 -3.48
N ARG A 78 -6.81 25.09 -4.74
CA ARG A 78 -7.42 24.45 -5.92
C ARG A 78 -7.01 22.97 -6.06
N ASN A 79 -5.88 22.58 -5.44
CA ASN A 79 -5.34 21.22 -5.47
C ASN A 79 -5.74 20.36 -4.27
N ILE A 80 -6.49 20.92 -3.29
CA ILE A 80 -6.93 20.11 -2.14
C ILE A 80 -8.01 19.14 -2.62
N VAL A 81 -7.69 17.86 -2.58
CA VAL A 81 -8.61 16.82 -3.03
C VAL A 81 -9.24 16.09 -1.84
N VAL A 82 -10.24 15.23 -2.13
CA VAL A 82 -10.98 14.41 -1.17
C VAL A 82 -10.00 13.68 -0.21
N TRP A 83 -10.39 13.65 1.07
CA TRP A 83 -9.63 13.02 2.14
C TRP A 83 -8.16 13.52 2.22
N SER A 84 -8.02 14.77 2.71
CA SER A 84 -6.71 15.38 2.94
C SER A 84 -6.74 15.96 4.36
N PRO A 85 -6.88 15.09 5.39
CA PRO A 85 -7.08 15.59 6.77
C PRO A 85 -5.90 16.35 7.37
N VAL A 86 -4.70 16.20 6.81
CA VAL A 86 -3.53 16.92 7.28
C VAL A 86 -3.27 18.17 6.39
N MET A 87 -3.25 17.99 5.06
CA MET A 87 -2.92 19.08 4.15
CA MET A 87 -2.94 19.04 4.09
C MET A 87 -4.04 20.09 3.90
N ASP A 88 -5.30 19.74 4.26
CA ASP A 88 -6.36 20.73 4.01
C ASP A 88 -6.32 21.96 4.95
N LYS A 89 -5.37 21.97 5.90
CA LYS A 89 -5.13 23.10 6.81
C LYS A 89 -4.01 24.00 6.27
N LEU A 90 -3.32 23.52 5.22
CA LEU A 90 -2.11 24.15 4.70
C LEU A 90 -2.23 24.91 3.36
N ALA A 91 -3.45 25.28 2.91
CA ALA A 91 -3.61 26.04 1.66
C ALA A 91 -2.79 27.34 1.69
N GLY A 92 -2.08 27.60 0.59
CA GLY A 92 -1.23 28.77 0.42
C GLY A 92 0.07 28.73 1.19
N GLN A 93 0.38 27.59 1.83
CA GLN A 93 1.59 27.40 2.64
C GLN A 93 2.50 26.35 2.03
N SER A 94 3.79 26.39 2.39
CA SER A 94 4.77 25.41 1.97
C SER A 94 4.88 24.34 3.06
N THR A 95 5.14 23.10 2.66
CA THR A 95 5.32 22.00 3.60
C THR A 95 6.50 21.18 3.11
N ARG A 96 7.22 20.55 4.04
CA ARG A 96 8.35 19.68 3.68
C ARG A 96 7.79 18.45 2.95
N ILE A 97 8.45 18.03 1.86
CA ILE A 97 8.01 16.84 1.10
C ILE A 97 8.04 15.62 2.03
N GLU A 98 8.99 15.59 2.98
CA GLU A 98 9.10 14.51 3.99
C GLU A 98 7.82 14.46 4.82
N HIS A 99 7.31 15.64 5.22
CA HIS A 99 6.08 15.74 6.01
C HIS A 99 4.87 15.31 5.15
N ALA A 100 4.88 15.63 3.84
CA ALA A 100 3.81 15.17 2.94
C ALA A 100 3.83 13.62 2.87
N CYS A 101 5.03 12.99 2.81
CA CYS A 101 5.00 11.51 2.86
C CYS A 101 4.50 11.00 4.20
N GLU A 102 4.88 11.67 5.29
CA GLU A 102 4.38 11.24 6.60
C GLU A 102 2.81 11.27 6.59
N ALA A 103 2.22 12.35 6.06
CA ALA A 103 0.74 12.49 6.04
C ALA A 103 0.12 11.44 5.13
N ALA A 104 0.78 11.15 3.98
CA ALA A 104 0.29 10.12 3.07
C ALA A 104 0.29 8.74 3.69
N MET A 105 1.34 8.44 4.46
CA MET A 105 1.50 7.10 5.04
C MET A 105 0.69 6.91 6.31
N LEU A 106 0.65 7.92 7.18
CA LEU A 106 -0.06 7.77 8.44
C LEU A 106 -1.56 7.95 8.30
N MET A 107 -1.94 8.93 7.44
CA MET A 107 -3.35 9.33 7.32
C MET A 107 -3.95 9.09 5.94
N SER A 108 -3.16 8.54 4.99
CA SER A 108 -3.63 8.32 3.61
C SER A 108 -4.03 9.63 2.93
N ASP A 109 -3.44 10.77 3.36
CA ASP A 109 -3.79 12.10 2.86
C ASP A 109 -3.50 12.18 1.35
N ASN A 110 -4.55 12.42 0.56
CA ASN A 110 -4.45 12.45 -0.88
C ASN A 110 -3.73 13.67 -1.45
N THR A 111 -3.97 14.88 -0.90
CA THR A 111 -3.25 16.08 -1.34
C THR A 111 -1.75 15.88 -1.08
N ALA A 112 -1.42 15.28 0.08
CA ALA A 112 -0.03 15.01 0.43
C ALA A 112 0.61 14.06 -0.60
N ALA A 113 -0.10 12.95 -0.93
CA ALA A 113 0.41 11.97 -1.90
C ALA A 113 0.61 12.65 -3.26
N ASN A 114 -0.37 13.50 -3.69
CA ASN A 114 -0.20 14.23 -4.97
C ASN A 114 0.98 15.17 -4.97
N LEU A 115 1.24 15.84 -3.83
CA LEU A 115 2.37 16.78 -3.71
C LEU A 115 3.68 16.01 -3.90
N VAL A 116 3.78 14.83 -3.29
CA VAL A 116 4.98 13.98 -3.41
C VAL A 116 5.16 13.60 -4.88
N LEU A 117 4.08 13.07 -5.51
CA LEU A 117 4.13 12.69 -6.93
C LEU A 117 4.59 13.84 -7.79
N ASN A 118 4.03 15.05 -7.55
CA ASN A 118 4.37 16.20 -8.38
C ASN A 118 5.84 16.67 -8.22
N GLU A 119 6.45 16.38 -7.06
CA GLU A 119 7.84 16.76 -6.79
C GLU A 119 8.85 15.77 -7.39
N ILE A 120 8.46 14.50 -7.49
CA ILE A 120 9.42 13.45 -7.90
C ILE A 120 9.33 13.01 -9.37
N GLY A 121 8.42 13.59 -10.15
CA GLY A 121 8.28 13.20 -11.55
C GLY A 121 7.05 12.38 -11.86
N GLY A 122 6.14 12.33 -10.89
CA GLY A 122 4.83 11.72 -11.08
C GLY A 122 4.77 10.22 -11.19
N PRO A 123 3.56 9.73 -11.56
CA PRO A 123 3.36 8.28 -11.74
C PRO A 123 4.40 7.60 -12.63
N LYS A 124 4.88 8.28 -13.70
CA LYS A 124 5.89 7.66 -14.58
C LYS A 124 7.23 7.45 -13.83
N ALA A 125 7.58 8.37 -12.93
CA ALA A 125 8.83 8.26 -12.14
C ALA A 125 8.71 7.16 -11.09
N VAL A 126 7.51 7.03 -10.45
CA VAL A 126 7.32 5.94 -9.49
C VAL A 126 7.42 4.60 -10.22
N THR A 127 6.76 4.48 -11.39
CA THR A 127 6.80 3.23 -12.13
C THR A 127 8.24 2.92 -12.57
N LEU A 128 9.02 3.95 -12.98
CA LEU A 128 10.42 3.71 -13.35
C LEU A 128 11.19 3.18 -12.13
N PHE A 129 10.98 3.80 -10.96
CA PHE A 129 11.66 3.34 -9.75
C PHE A 129 11.31 1.85 -9.49
N LEU A 130 10.02 1.52 -9.57
CA LEU A 130 9.61 0.11 -9.39
C LEU A 130 10.31 -0.84 -10.38
N ARG A 131 10.35 -0.46 -11.67
CA ARG A 131 11.05 -1.32 -12.66
C ARG A 131 12.54 -1.48 -12.30
N SER A 132 13.14 -0.38 -11.80
CA SER A 132 14.57 -0.36 -11.46
C SER A 132 14.92 -1.28 -10.29
N ILE A 133 13.92 -1.61 -9.44
CA ILE A 133 14.14 -2.49 -8.28
C ILE A 133 13.59 -3.91 -8.49
N GLY A 134 13.15 -4.20 -9.72
CA GLY A 134 12.76 -5.55 -10.09
C GLY A 134 11.28 -5.86 -10.09
N ASP A 135 10.43 -4.83 -9.85
CA ASP A 135 8.97 -5.02 -9.94
C ASP A 135 8.61 -4.81 -11.41
N LYS A 136 8.27 -5.90 -12.11
CA LYS A 136 7.94 -5.86 -13.54
C LYS A 136 6.48 -5.54 -13.82
N ALA A 137 5.61 -5.69 -12.81
CA ALA A 137 4.17 -5.62 -13.00
C ALA A 137 3.46 -4.34 -12.55
N THR A 138 3.86 -3.78 -11.39
CA THR A 138 3.14 -2.65 -10.84
C THR A 138 3.23 -1.45 -11.74
N ARG A 139 2.10 -0.77 -11.91
CA ARG A 139 2.11 0.45 -12.72
C ARG A 139 1.25 1.51 -12.09
N LEU A 140 1.84 2.68 -11.86
CA LEU A 140 1.09 3.84 -11.37
C LEU A 140 0.99 4.77 -12.58
N ASP A 141 -0.27 5.18 -12.87
CA ASP A 141 -0.58 5.96 -14.06
C ASP A 141 -1.19 7.31 -13.79
N ARG A 142 -2.02 7.39 -12.72
CA ARG A 142 -2.77 8.60 -12.44
C ARG A 142 -2.54 9.17 -11.03
N LEU A 143 -3.07 10.39 -10.78
CA LEU A 143 -3.01 11.04 -9.48
C LEU A 143 -4.27 10.71 -8.70
N GLU A 144 -4.30 11.13 -7.42
CA GLU A 144 -5.51 10.99 -6.62
C GLU A 144 -6.48 12.10 -7.04
N PRO A 145 -7.81 11.84 -7.11
CA PRO A 145 -8.49 10.57 -6.77
C PRO A 145 -8.77 9.66 -7.97
N HIS A 146 -8.35 10.04 -9.20
CA HIS A 146 -8.65 9.28 -10.42
C HIS A 146 -8.17 7.83 -10.41
N LEU A 147 -7.03 7.58 -9.75
CA LEU A 147 -6.48 6.23 -9.70
C LEU A 147 -7.39 5.22 -8.96
N ASN A 148 -8.44 5.70 -8.26
CA ASN A 148 -9.36 4.82 -7.52
C ASN A 148 -10.52 4.28 -8.38
N GLU A 149 -10.56 4.64 -9.68
CA GLU A 149 -11.60 4.21 -10.62
C GLU A 149 -11.82 2.71 -10.57
N ALA A 150 -10.72 1.92 -10.57
CA ALA A 150 -10.70 0.44 -10.44
C ALA A 150 -11.62 -0.26 -11.45
N LYS A 151 -11.73 0.31 -12.66
CA LYS A 151 -12.60 -0.26 -13.68
C LYS A 151 -12.09 -1.65 -14.10
N PRO A 152 -12.94 -2.72 -14.06
CA PRO A 152 -12.46 -4.04 -14.50
C PRO A 152 -11.93 -4.03 -15.94
N GLY A 153 -10.77 -4.65 -16.15
CA GLY A 153 -10.12 -4.70 -17.46
C GLY A 153 -9.14 -3.58 -17.71
N ASP A 154 -9.23 -2.48 -16.92
CA ASP A 154 -8.32 -1.33 -17.04
C ASP A 154 -7.04 -1.64 -16.27
N LYS A 155 -5.90 -1.66 -16.96
CA LYS A 155 -4.59 -1.98 -16.37
C LYS A 155 -3.95 -0.79 -15.65
N ARG A 156 -4.50 0.41 -15.81
CA ARG A 156 -3.93 1.59 -15.14
C ARG A 156 -4.01 1.48 -13.63
N ASP A 157 -2.94 1.91 -12.95
CA ASP A 157 -2.93 1.94 -11.48
C ASP A 157 -3.20 0.58 -10.86
N THR A 158 -2.52 -0.44 -11.36
CA THR A 158 -2.70 -1.80 -10.87
C THR A 158 -1.39 -2.41 -10.42
N THR A 159 -1.50 -3.49 -9.64
CA THR A 159 -0.40 -4.30 -9.17
C THR A 159 -0.90 -5.75 -9.13
N THR A 160 -0.08 -6.65 -8.59
CA THR A 160 -0.54 -8.01 -8.37
C THR A 160 -0.22 -8.29 -6.90
N PRO A 161 -0.94 -9.22 -6.25
CA PRO A 161 -0.61 -9.54 -4.85
C PRO A 161 0.86 -9.98 -4.67
N ASN A 162 1.37 -10.80 -5.61
CA ASN A 162 2.77 -11.28 -5.54
C ASN A 162 3.74 -10.11 -5.70
N ALA A 163 3.45 -9.20 -6.65
CA ALA A 163 4.35 -8.05 -6.88
C ALA A 163 4.45 -7.16 -5.67
N MET A 164 3.31 -6.88 -4.96
CA MET A 164 3.40 -6.02 -3.77
C MET A 164 4.19 -6.70 -2.66
N VAL A 165 3.99 -8.05 -2.48
CA VAL A 165 4.78 -8.79 -1.49
C VAL A 165 6.28 -8.71 -1.85
N ASN A 166 6.61 -9.01 -3.13
CA ASN A 166 8.01 -8.99 -3.60
C ASN A 166 8.65 -7.61 -3.44
N THR A 167 7.92 -6.56 -3.82
CA THR A 167 8.41 -5.18 -3.75
C THR A 167 8.63 -4.76 -2.32
N LEU A 168 7.66 -5.05 -1.41
CA LEU A 168 7.83 -4.68 0.00
C LEU A 168 9.05 -5.41 0.59
N HIS A 169 9.22 -6.71 0.24
CA HIS A 169 10.40 -7.46 0.68
C HIS A 169 11.68 -6.79 0.16
N THR A 170 11.70 -6.39 -1.13
CA THR A 170 12.86 -5.71 -1.72
C THR A 170 13.17 -4.41 -0.95
N LEU A 171 12.12 -3.62 -0.66
CA LEU A 171 12.30 -2.34 0.00
C LEU A 171 12.83 -2.52 1.41
N MET A 172 12.40 -3.59 2.11
CA MET A 172 12.82 -3.76 3.50
C MET A 172 14.09 -4.57 3.67
N GLU A 173 14.34 -5.53 2.79
CA GLU A 173 15.47 -6.44 3.00
C GLU A 173 16.57 -6.40 1.98
N ASP A 174 16.35 -5.69 0.86
CA ASP A 174 17.42 -5.59 -0.11
C ASP A 174 18.03 -4.18 -0.02
N ASN A 175 18.74 -3.74 -1.04
CA ASN A 175 19.39 -2.46 -0.93
C ASN A 175 18.80 -1.39 -1.81
N ALA A 176 17.47 -1.46 -2.03
CA ALA A 176 16.80 -0.43 -2.81
C ALA A 176 16.87 0.91 -2.12
N LEU A 177 16.81 0.91 -0.76
CA LEU A 177 16.85 2.14 0.02
C LEU A 177 18.00 2.05 1.00
N SER A 178 18.51 3.22 1.45
CA SER A 178 19.54 3.29 2.48
C SER A 178 18.93 2.75 3.80
N TYR A 179 19.80 2.43 4.79
CA TYR A 179 19.26 2.03 6.10
C TYR A 179 18.30 3.09 6.67
N GLU A 180 18.70 4.36 6.63
CA GLU A 180 17.85 5.40 7.20
C GLU A 180 16.53 5.52 6.47
N SER A 181 16.55 5.33 5.14
CA SER A 181 15.33 5.42 4.36
C SER A 181 14.41 4.22 4.58
N ARG A 182 14.95 2.98 4.58
CA ARG A 182 14.03 1.84 4.81
C ARG A 182 13.50 1.86 6.24
N THR A 183 14.28 2.45 7.18
CA THR A 183 13.79 2.56 8.57
C THR A 183 12.65 3.55 8.63
N GLN A 184 12.83 4.73 7.96
CA GLN A 184 11.77 5.74 7.97
C GLN A 184 10.47 5.17 7.31
N LEU A 185 10.65 4.42 6.21
CA LEU A 185 9.49 3.85 5.52
C LEU A 185 8.77 2.84 6.43
N LYS A 186 9.54 2.00 7.15
CA LYS A 186 8.96 1.01 8.04
C LYS A 186 8.22 1.70 9.19
N ILE A 187 8.82 2.78 9.78
CA ILE A 187 8.15 3.49 10.87
C ILE A 187 6.84 4.10 10.38
N TRP A 188 6.86 4.72 9.18
CA TRP A 188 5.62 5.29 8.63
C TRP A 188 4.55 4.20 8.50
N MET A 189 4.93 3.01 8.04
CA MET A 189 3.96 1.92 7.87
C MET A 189 3.48 1.37 9.22
N GLN A 190 4.37 1.34 10.23
CA GLN A 190 3.94 0.92 11.56
C GLN A 190 2.96 1.93 12.16
N ASP A 191 3.19 3.20 11.86
CA ASP A 191 2.41 4.29 12.43
C ASP A 191 1.08 4.56 11.74
N ASN A 192 0.82 3.85 10.65
CA ASN A 192 -0.43 3.93 9.89
C ASN A 192 -1.62 3.96 10.86
N LYS A 193 -2.45 5.02 10.73
CA LYS A 193 -3.58 5.23 11.63
C LYS A 193 -4.94 4.82 11.02
N VAL A 194 -4.96 4.52 9.71
CA VAL A 194 -6.27 4.32 9.05
C VAL A 194 -6.66 2.85 8.76
N SER A 195 -5.88 1.88 9.22
CA SER A 195 -6.17 0.49 8.87
C SER A 195 -6.51 -0.38 10.07
N ASP A 196 -7.01 0.23 11.16
CA ASP A 196 -7.35 -0.57 12.35
C ASP A 196 -8.39 -1.67 12.13
N SER A 197 -9.30 -1.48 11.15
CA SER A 197 -10.39 -2.43 10.88
CA SER A 197 -10.38 -2.45 10.90
C SER A 197 -9.93 -3.61 10.02
N LEU A 198 -8.65 -3.61 9.56
CA LEU A 198 -8.19 -4.65 8.65
C LEU A 198 -7.34 -5.75 9.34
N ILE A 199 -6.11 -6.01 8.88
CA ILE A 199 -5.28 -7.05 9.51
C ILE A 199 -5.12 -6.75 11.01
N ARG A 200 -4.92 -5.46 11.37
CA ARG A 200 -4.73 -5.10 12.79
C ARG A 200 -5.86 -5.56 13.72
N SER A 201 -7.10 -5.65 13.20
CA SER A 201 -8.28 -6.02 13.99
C SER A 201 -8.27 -7.48 14.48
N VAL A 202 -7.47 -8.34 13.82
CA VAL A 202 -7.40 -9.78 14.13
C VAL A 202 -5.94 -10.26 14.32
N LEU A 203 -4.98 -9.31 14.38
CA LEU A 203 -3.57 -9.64 14.53
C LEU A 203 -3.34 -10.20 15.94
N PRO A 204 -2.78 -11.41 16.09
CA PRO A 204 -2.57 -11.93 17.46
C PRO A 204 -1.58 -11.10 18.25
N LYS A 205 -1.65 -11.24 19.58
CA LYS A 205 -0.71 -10.52 20.45
C LYS A 205 0.69 -11.13 20.25
N GLY A 206 1.70 -10.30 20.08
CA GLY A 206 3.07 -10.78 19.88
C GLY A 206 3.60 -10.43 18.51
N TRP A 207 2.72 -9.90 17.65
CA TRP A 207 3.11 -9.52 16.33
C TRP A 207 3.11 -8.00 16.16
N SER A 208 4.17 -7.50 15.53
CA SER A 208 4.27 -6.12 15.13
C SER A 208 3.74 -6.11 13.68
N ILE A 209 3.31 -4.96 13.19
CA ILE A 209 2.80 -4.83 11.81
C ILE A 209 3.20 -3.48 11.25
N ALA A 210 3.52 -3.48 9.96
CA ALA A 210 3.79 -2.27 9.17
C ALA A 210 2.90 -2.47 7.94
N ASP A 211 1.93 -1.56 7.73
CA ASP A 211 0.99 -1.79 6.62
C ASP A 211 0.58 -0.52 5.91
N ARG A 212 -0.19 -0.68 4.85
CA ARG A 212 -0.75 0.40 4.04
C ARG A 212 -1.94 -0.18 3.34
N SER A 213 -3.08 0.50 3.46
CA SER A 213 -4.27 -0.01 2.83
C SER A 213 -4.83 0.93 1.76
N GLY A 214 -5.89 0.50 1.09
CA GLY A 214 -6.56 1.33 0.10
C GLY A 214 -7.99 0.88 -0.10
N ALA A 215 -8.82 1.78 -0.61
CA ALA A 215 -10.21 1.51 -0.96
C ALA A 215 -10.42 2.14 -2.34
N GLY A 216 -11.33 1.57 -3.09
CA GLY A 216 -11.64 2.12 -4.41
C GLY A 216 -13.02 1.76 -4.88
N ASN A 217 -13.36 2.28 -6.07
CA ASN A 217 -14.63 2.03 -6.73
C ASN A 217 -14.75 0.56 -7.15
N TYR A 218 -15.94 0.16 -7.67
CA TYR A 218 -16.19 -1.24 -7.99
C TYR A 218 -15.97 -2.14 -6.74
N GLY A 219 -16.37 -1.63 -5.57
CA GLY A 219 -16.28 -2.36 -4.30
C GLY A 219 -14.90 -2.94 -4.05
N SER A 220 -13.87 -2.09 -4.13
CA SER A 220 -12.49 -2.52 -3.99
C SER A 220 -11.86 -2.18 -2.67
N ARG A 221 -10.94 -3.04 -2.23
CA ARG A 221 -10.21 -2.84 -0.98
C ARG A 221 -8.92 -3.59 -1.05
N GLY A 222 -7.89 -3.09 -0.41
CA GLY A 222 -6.63 -3.81 -0.45
C GLY A 222 -5.71 -3.44 0.69
N ILE A 223 -4.73 -4.28 0.93
CA ILE A 223 -3.73 -4.02 1.97
C ILE A 223 -2.44 -4.73 1.64
N SER A 224 -1.31 -4.05 1.90
CA SER A 224 0.04 -4.61 1.76
C SER A 224 0.64 -4.48 3.17
N ALA A 225 1.18 -5.56 3.70
CA ALA A 225 1.68 -5.53 5.08
C ALA A 225 2.83 -6.45 5.31
N MET A 226 3.55 -6.19 6.40
CA MET A 226 4.58 -7.10 6.88
C MET A 226 4.34 -7.27 8.37
N ILE A 227 4.40 -8.52 8.86
CA ILE A 227 4.20 -8.79 10.29
C ILE A 227 5.41 -9.55 10.79
N TRP A 228 5.77 -9.37 12.06
CA TRP A 228 6.94 -10.05 12.61
C TRP A 228 6.91 -10.04 14.11
N LYS A 229 7.82 -10.80 14.73
CA LYS A 229 8.01 -10.83 16.16
C LYS A 229 9.52 -10.70 16.40
N ASP A 230 9.93 -10.44 17.62
CA ASP A 230 11.37 -10.38 17.89
C ASP A 230 12.08 -11.71 17.53
N ASN A 231 11.37 -12.85 17.64
CA ASN A 231 11.92 -14.18 17.37
C ASN A 231 11.28 -14.84 16.11
N TYR A 232 10.68 -14.02 15.24
CA TYR A 232 10.04 -14.55 14.04
C TYR A 232 10.26 -13.58 12.88
N LYS A 233 10.99 -14.05 11.85
CA LYS A 233 11.31 -13.27 10.66
C LYS A 233 10.04 -12.78 9.93
N PRO A 234 10.13 -11.62 9.25
CA PRO A 234 8.92 -11.02 8.68
C PRO A 234 8.14 -11.88 7.69
N VAL A 235 6.82 -11.72 7.75
CA VAL A 235 5.86 -12.39 6.89
C VAL A 235 5.21 -11.26 6.09
N TYR A 236 5.36 -11.28 4.75
CA TYR A 236 4.85 -10.26 3.82
C TYR A 236 3.50 -10.74 3.31
N ILE A 237 2.47 -9.85 3.33
CA ILE A 237 1.12 -10.22 2.97
C ILE A 237 0.51 -9.17 2.05
N SER A 238 -0.24 -9.65 1.05
CA SER A 238 -1.06 -8.82 0.18
C SER A 238 -2.44 -9.44 0.23
N ILE A 239 -3.47 -8.58 0.42
CA ILE A 239 -4.87 -9.02 0.31
C ILE A 239 -5.59 -7.96 -0.47
N TYR A 240 -6.16 -8.33 -1.63
CA TYR A 240 -6.89 -7.40 -2.49
C TYR A 240 -8.22 -7.99 -2.88
N VAL A 241 -9.24 -7.12 -2.97
CA VAL A 241 -10.57 -7.52 -3.40
CA VAL A 241 -10.59 -7.50 -3.38
C VAL A 241 -11.08 -6.45 -4.37
N THR A 242 -11.71 -6.87 -5.45
CA THR A 242 -12.21 -5.91 -6.42
C THR A 242 -13.40 -6.46 -7.17
N ASP A 243 -14.18 -5.56 -7.77
CA ASP A 243 -15.36 -5.85 -8.59
C ASP A 243 -16.47 -6.51 -7.78
N THR A 244 -16.72 -5.99 -6.57
CA THR A 244 -17.82 -6.47 -5.71
C THR A 244 -18.85 -5.35 -5.54
N ASP A 245 -19.96 -5.66 -4.86
CA ASP A 245 -21.00 -4.65 -4.56
C ASP A 245 -21.02 -4.41 -3.05
N LEU A 246 -19.88 -4.71 -2.38
CA LEU A 246 -19.77 -4.58 -0.93
C LEU A 246 -19.58 -3.15 -0.46
N SER A 247 -20.24 -2.82 0.67
CA SER A 247 -20.08 -1.53 1.35
C SER A 247 -18.64 -1.50 1.91
N LEU A 248 -18.15 -0.31 2.33
CA LEU A 248 -16.78 -0.22 2.89
C LEU A 248 -16.65 -1.11 4.15
N GLN A 249 -17.66 -1.04 5.06
CA GLN A 249 -17.65 -1.85 6.29
C GLN A 249 -17.58 -3.35 5.94
N ALA A 250 -18.35 -3.81 4.91
CA ALA A 250 -18.32 -5.20 4.45
C ALA A 250 -16.96 -5.62 3.86
N ARG A 251 -16.30 -4.68 3.12
CA ARG A 251 -14.99 -4.95 2.57
C ARG A 251 -13.98 -5.10 3.69
N ASP A 252 -14.07 -4.24 4.72
CA ASP A 252 -13.18 -4.32 5.89
C ASP A 252 -13.33 -5.71 6.55
N GLN A 253 -14.58 -6.16 6.76
CA GLN A 253 -14.83 -7.47 7.36
C GLN A 253 -14.23 -8.58 6.51
N LEU A 254 -14.37 -8.49 5.17
CA LEU A 254 -13.80 -9.48 4.26
C LEU A 254 -12.29 -9.57 4.42
N ILE A 255 -11.59 -8.42 4.45
CA ILE A 255 -10.14 -8.43 4.61
C ILE A 255 -9.77 -9.02 5.99
N ALA A 256 -10.52 -8.64 7.04
CA ALA A 256 -10.25 -9.15 8.40
C ALA A 256 -10.44 -10.68 8.44
N GLN A 257 -11.51 -11.17 7.80
CA GLN A 257 -11.81 -12.61 7.78
C GLN A 257 -10.76 -13.40 6.98
N ILE A 258 -10.29 -12.84 5.85
CA ILE A 258 -9.19 -13.45 5.08
C ILE A 258 -7.92 -13.45 5.95
N SER A 259 -7.62 -12.32 6.63
CA SER A 259 -6.46 -12.25 7.52
C SER A 259 -6.51 -13.33 8.59
N GLN A 260 -7.69 -13.58 9.20
CA GLN A 260 -7.89 -14.62 10.22
C GLN A 260 -7.45 -15.99 9.67
N LEU A 261 -7.85 -16.33 8.43
CA LEU A 261 -7.47 -17.59 7.78
C LEU A 261 -5.95 -17.74 7.65
N ILE A 262 -5.27 -16.67 7.17
CA ILE A 262 -3.81 -16.68 7.01
C ILE A 262 -3.09 -16.85 8.33
N LEU A 263 -3.56 -16.16 9.38
CA LEU A 263 -2.88 -16.12 10.68
C LEU A 263 -3.04 -17.37 11.52
N GLU A 264 -4.07 -18.18 11.21
CA GLU A 264 -4.43 -19.41 11.92
C GLU A 264 -3.29 -20.44 12.12
N HIS A 265 -2.49 -20.76 11.06
CA HIS A 265 -1.43 -21.78 11.15
C HIS A 265 -0.28 -21.42 12.13
N TYR A 266 -0.19 -20.13 12.55
CA TYR A 266 0.79 -19.66 13.52
C TYR A 266 0.47 -20.03 14.98
C1 GOL B . -7.06 -5.31 -14.72
O1 GOL B . -7.55 -5.93 -15.91
C2 GOL B . -8.16 -4.99 -13.73
O2 GOL B . -9.29 -5.86 -13.91
C3 GOL B . -7.66 -5.02 -12.31
O3 GOL B . -8.70 -4.84 -11.36
C1 GOL C . 14.76 -7.69 8.50
O1 GOL C . 14.08 -8.53 9.43
C2 GOL C . 14.27 -6.26 8.56
O2 GOL C . 14.16 -5.82 9.92
C3 GOL C . 12.93 -6.08 7.86
O3 GOL C . 12.52 -4.73 7.98
#